data_8GLF
#
_entry.id   8GLF
#
_cell.length_a   57.570
_cell.length_b   77.980
_cell.length_c   91.320
_cell.angle_alpha   90.00
_cell.angle_beta   90.00
_cell.angle_gamma   90.00
#
_symmetry.space_group_name_H-M   'P 21 21 21'
#
loop_
_entity.id
_entity.type
_entity.pdbx_description
1 polymer 'T-cell surface glycoprotein CD1b'
2 polymer Beta-2-microglobulin
3 branched 2-acetamido-2-deoxy-beta-D-glucopyranose-(1-4)-2-acetamido-2-deoxy-beta-D-glucopyranose
4 branched alpha-D-mannopyranose-(1-3)-[alpha-D-mannopyranose-(1-6)]beta-D-mannopyranose-(1-4)-2-acetamido-2-deoxy-beta-D-glucopyranose-(1-4)-[alpha-L-fucopyranose-(1-3)][alpha-L-fucopyranose-(1-6)]2-acetamido-2-deoxy-beta-D-glucopyranose
5 non-polymer 1,2-ETHANEDIOL
6 non-polymer '[(~{Z},2~{R},3~{S})-2-(hexadecanoylamino)-3-oxidanyl-octadec-4-enyl] 2-(trimethyl-$l^{4}-azanyl)ethyl hydrogen phosphate'
7 non-polymer 'TETRACOSYL PALMITATE'
8 non-polymer 'CHLORIDE ION'
9 non-polymer 'IODIDE ION'
10 non-polymer 'NICKEL (II) ION'
11 water water
#
loop_
_entity_poly.entity_id
_entity_poly.type
_entity_poly.pdbx_seq_one_letter_code
_entity_poly.pdbx_strand_id
1 'polypeptide(L)'
;HAFQGPTSFHVIQTSSFTNSTWAQTQGSGWLDDLQIHGWDSDSGTAIFLKPWSKGNFSDKEVAELEEIFRVYIFGFAREV
QDFAGDFQMKYPFEIQGIAGCELHSGGAIVSFLRGALGGLDFLSVKNASCVPSPEGGSRAQKFCALIIQYQGIMETVRIL
LYETCPRYLLGVLNAGKADLQRQVKPEAWLSSGPSPGPGRLQLVCHVSGFYPKPVWVMWMRGEQEQQGTQLGDILPNANW
TWYLRATLDVADGEAAGLSCRVKHSSLEGQDIILYWRGSGLNDIFEAQKIEWHEHHHHHH
;
A
2 'polypeptide(L)'
;PKIQRTPKIQVYSRHPAENGKSNFLNCYVSGFHPSDIEVDLLKNGERIEKVEHSDLSFSKDWSFYLLYYTEFTPTEKDEY
ACRVNHVTLSQPKIVKWDRDM
;
B
#
# COMPACT_ATOMS: atom_id res chain seq x y z
N PHE A 3 -3.90 -10.11 -19.94
CA PHE A 3 -4.20 -8.69 -19.80
C PHE A 3 -3.31 -8.08 -18.72
N GLN A 4 -3.29 -6.75 -18.62
CA GLN A 4 -2.46 -6.03 -17.68
C GLN A 4 -3.32 -5.44 -16.56
N GLY A 5 -2.65 -4.83 -15.59
CA GLY A 5 -3.33 -4.28 -14.42
C GLY A 5 -3.56 -5.31 -13.32
N PRO A 6 -4.29 -4.89 -12.29
CA PRO A 6 -4.51 -5.76 -11.12
C PRO A 6 -5.25 -7.04 -11.49
N THR A 7 -5.01 -8.09 -10.69
CA THR A 7 -5.61 -9.40 -10.89
C THR A 7 -6.36 -9.89 -9.66
N SER A 8 -6.51 -9.07 -8.62
CA SER A 8 -7.09 -9.53 -7.38
C SER A 8 -7.97 -8.44 -6.80
N PHE A 9 -8.99 -8.86 -6.06
CA PHE A 9 -9.79 -7.95 -5.24
C PHE A 9 -9.70 -8.37 -3.79
N HIS A 10 -9.56 -7.39 -2.88
CA HIS A 10 -9.67 -7.77 -1.49
C HIS A 10 -10.26 -6.62 -0.69
N VAL A 11 -10.86 -6.99 0.46
CA VAL A 11 -11.31 -6.03 1.46
C VAL A 11 -10.40 -6.19 2.66
N ILE A 12 -10.19 -5.08 3.36
CA ILE A 12 -9.34 -5.11 4.58
C ILE A 12 -10.12 -4.49 5.74
N GLN A 13 -9.73 -4.90 6.95
CA GLN A 13 -10.34 -4.47 8.19
C GLN A 13 -9.21 -4.12 9.12
N THR A 14 -9.32 -2.96 9.79
CA THR A 14 -8.45 -2.65 10.91
C THR A 14 -9.35 -2.26 12.07
N SER A 15 -9.37 -3.09 13.11
CA SER A 15 -10.24 -2.90 14.25
C SER A 15 -9.40 -2.58 15.47
N SER A 16 -9.52 -1.36 15.99
CA SER A 16 -8.66 -0.89 17.08
C SER A 16 -9.48 -0.85 18.36
N PHE A 17 -9.05 -1.61 19.36
CA PHE A 17 -9.71 -1.69 20.65
C PHE A 17 -8.91 -0.90 21.67
N THR A 18 -9.45 0.25 22.06
CA THR A 18 -8.78 1.14 22.99
C THR A 18 -8.93 0.66 24.44
N ASN A 19 -10.14 0.28 24.83
CA ASN A 19 -10.41 -0.20 26.18
C ASN A 19 -11.66 -1.08 26.11
N SER A 20 -12.16 -1.49 27.28
CA SER A 20 -13.32 -2.38 27.37
C SER A 20 -14.50 -1.88 26.57
N THR A 21 -14.62 -0.56 26.41
CA THR A 21 -15.84 0.05 25.93
C THR A 21 -15.67 0.82 24.62
N TRP A 22 -14.47 0.89 24.05
CA TRP A 22 -14.30 1.70 22.85
C TRP A 22 -13.47 0.97 21.82
N ALA A 23 -14.05 0.75 20.65
CA ALA A 23 -13.37 0.19 19.49
C ALA A 23 -13.87 0.87 18.23
N GLN A 24 -13.02 0.91 17.21
CA GLN A 24 -13.41 1.52 15.95
C GLN A 24 -12.75 0.77 14.81
N THR A 25 -13.50 0.56 13.74
CA THR A 25 -13.09 -0.28 12.63
C THR A 25 -13.00 0.57 11.37
N GLN A 26 -11.88 0.45 10.65
CA GLN A 26 -11.71 1.00 9.33
C GLN A 26 -11.70 -0.13 8.31
N GLY A 27 -12.25 0.14 7.14
CA GLY A 27 -12.27 -0.86 6.09
C GLY A 27 -12.23 -0.19 4.73
N SER A 28 -11.89 -0.98 3.71
CA SER A 28 -11.75 -0.49 2.35
C SER A 28 -11.69 -1.69 1.41
N GLY A 29 -11.90 -1.44 0.13
CA GLY A 29 -11.80 -2.47 -0.91
C GLY A 29 -10.80 -2.08 -1.98
N TRP A 30 -10.04 -3.07 -2.47
CA TRP A 30 -8.82 -2.83 -3.26
C TRP A 30 -8.71 -3.79 -4.43
N LEU A 31 -8.20 -3.29 -5.57
CA LEU A 31 -7.72 -4.13 -6.68
C LEU A 31 -6.20 -4.05 -6.65
N ASP A 32 -5.56 -5.15 -6.28
CA ASP A 32 -4.16 -5.10 -5.87
C ASP A 32 -3.96 -3.91 -4.93
N ASP A 33 -3.16 -2.92 -5.31
CA ASP A 33 -2.87 -1.75 -4.48
C ASP A 33 -3.77 -0.55 -4.75
N LEU A 34 -4.72 -0.64 -5.69
CA LEU A 34 -5.58 0.48 -6.06
C LEU A 34 -6.88 0.42 -5.27
N GLN A 35 -7.18 1.48 -4.51
CA GLN A 35 -8.41 1.48 -3.73
C GLN A 35 -9.62 1.75 -4.62
N ILE A 36 -10.64 0.91 -4.52
CA ILE A 36 -11.87 1.16 -5.27
C ILE A 36 -13.08 1.32 -4.36
N HIS A 37 -13.01 0.90 -3.10
CA HIS A 37 -14.05 1.12 -2.11
C HIS A 37 -13.48 1.69 -0.82
N GLY A 38 -14.25 2.60 -0.22
CA GLY A 38 -14.05 2.99 1.17
C GLY A 38 -15.17 2.48 2.02
N TRP A 39 -14.94 2.40 3.33
CA TRP A 39 -16.01 2.16 4.30
C TRP A 39 -16.23 3.44 5.09
N ASP A 40 -17.44 3.95 5.08
CA ASP A 40 -17.80 5.17 5.80
C ASP A 40 -18.46 4.77 7.12
N SER A 41 -17.70 4.93 8.21
CA SER A 41 -18.25 4.63 9.53
C SER A 41 -19.27 5.65 9.99
N ASP A 42 -19.34 6.83 9.34
CA ASP A 42 -20.39 7.79 9.70
C ASP A 42 -21.77 7.21 9.42
N SER A 43 -21.88 6.43 8.35
CA SER A 43 -23.13 5.96 7.81
C SER A 43 -23.26 4.44 7.80
N GLY A 44 -22.19 3.70 8.04
CA GLY A 44 -22.23 2.25 7.87
C GLY A 44 -22.52 1.80 6.46
N THR A 45 -21.96 2.49 5.47
CA THR A 45 -22.17 2.17 4.05
C THR A 45 -20.82 2.28 3.35
N ALA A 46 -20.75 1.78 2.12
CA ALA A 46 -19.52 1.82 1.35
C ALA A 46 -19.45 3.10 0.51
N ILE A 47 -18.23 3.58 0.31
CA ILE A 47 -17.98 4.71 -0.57
C ILE A 47 -17.43 4.14 -1.86
N PHE A 48 -18.08 4.44 -2.99
CA PHE A 48 -17.67 3.91 -4.28
C PHE A 48 -16.79 4.95 -4.97
N LEU A 49 -15.52 4.59 -5.15
CA LEU A 49 -14.51 5.58 -5.56
C LEU A 49 -14.39 5.72 -7.07
N LYS A 50 -14.79 4.71 -7.85
CA LYS A 50 -14.81 4.85 -9.29
C LYS A 50 -16.22 4.60 -9.82
N PRO A 51 -16.58 5.17 -10.97
CA PRO A 51 -17.93 4.93 -11.53
C PRO A 51 -18.24 3.45 -11.76
N TRP A 52 -17.22 2.61 -11.88
CA TRP A 52 -17.40 1.20 -12.18
C TRP A 52 -17.17 0.31 -10.96
N SER A 53 -16.98 0.87 -9.77
CA SER A 53 -16.60 0.11 -8.58
CA SER A 53 -16.55 0.03 -8.66
C SER A 53 -17.65 -0.91 -8.17
N LYS A 54 -18.84 -0.85 -8.72
CA LYS A 54 -19.83 -1.89 -8.43
C LYS A 54 -19.71 -3.08 -9.38
N GLY A 55 -18.77 -3.03 -10.32
CA GLY A 55 -18.65 -4.09 -11.32
C GLY A 55 -19.96 -4.36 -12.01
N ASN A 56 -20.31 -5.64 -12.12
CA ASN A 56 -21.58 -6.01 -12.74
C ASN A 56 -22.64 -6.37 -11.70
N PHE A 57 -22.45 -5.99 -10.43
CA PHE A 57 -23.45 -6.29 -9.42
C PHE A 57 -24.58 -5.28 -9.47
N SER A 58 -25.80 -5.77 -9.27
CA SER A 58 -26.97 -4.92 -9.16
C SER A 58 -26.93 -4.12 -7.86
N ASP A 59 -27.75 -3.08 -7.81
CA ASP A 59 -27.76 -2.25 -6.61
C ASP A 59 -28.31 -3.01 -5.42
N LYS A 60 -29.29 -3.88 -5.65
N LYS A 60 -29.29 -3.88 -5.65
CA LYS A 60 -29.79 -4.72 -4.56
CA LYS A 60 -29.80 -4.73 -4.57
C LYS A 60 -28.69 -5.57 -3.96
C LYS A 60 -28.69 -5.57 -3.96
N GLU A 61 -27.89 -6.24 -4.80
CA GLU A 61 -26.85 -7.10 -4.26
C GLU A 61 -25.80 -6.27 -3.53
N VAL A 62 -25.42 -5.11 -4.08
CA VAL A 62 -24.46 -4.26 -3.39
C VAL A 62 -25.00 -3.87 -2.02
N ALA A 63 -26.26 -3.43 -1.97
CA ALA A 63 -26.83 -3.03 -0.69
C ALA A 63 -26.81 -4.19 0.29
N GLU A 64 -27.15 -5.39 -0.17
CA GLU A 64 -27.13 -6.56 0.70
C GLU A 64 -25.74 -6.81 1.26
N LEU A 65 -24.71 -6.72 0.41
CA LEU A 65 -23.34 -6.90 0.91
C LEU A 65 -22.99 -5.83 1.92
N GLU A 66 -23.37 -4.58 1.64
CA GLU A 66 -23.12 -3.52 2.61
C GLU A 66 -23.72 -3.87 3.96
N GLU A 67 -24.96 -4.38 3.96
CA GLU A 67 -25.61 -4.76 5.20
C GLU A 67 -24.86 -5.86 5.93
N ILE A 68 -24.36 -6.84 5.19
CA ILE A 68 -23.58 -7.92 5.80
C ILE A 68 -22.38 -7.34 6.52
N PHE A 69 -21.59 -6.50 5.82
CA PHE A 69 -20.42 -5.86 6.43
C PHE A 69 -20.83 -5.00 7.62
N ARG A 70 -21.85 -4.16 7.46
CA ARG A 70 -22.32 -3.35 8.58
CA ARG A 70 -22.31 -3.34 8.59
C ARG A 70 -22.65 -4.21 9.80
N VAL A 71 -23.37 -5.32 9.57
CA VAL A 71 -23.70 -6.21 10.69
C VAL A 71 -22.45 -6.87 11.25
N TYR A 72 -21.54 -7.31 10.39
CA TYR A 72 -20.30 -7.93 10.86
C TYR A 72 -19.48 -6.96 11.70
N ILE A 73 -19.21 -5.76 11.16
CA ILE A 73 -18.37 -4.78 11.83
C ILE A 73 -18.88 -4.53 13.25
N PHE A 74 -20.19 -4.46 13.42
CA PHE A 74 -20.78 -4.17 14.72
C PHE A 74 -20.71 -5.38 15.64
N GLY A 75 -21.04 -6.57 15.12
CA GLY A 75 -21.02 -7.76 15.98
C GLY A 75 -19.60 -8.20 16.32
N PHE A 76 -18.67 -8.05 15.36
CA PHE A 76 -17.28 -8.40 15.63
C PHE A 76 -16.79 -7.71 16.90
N ALA A 77 -16.87 -6.38 16.91
CA ALA A 77 -16.50 -5.59 18.09
C ALA A 77 -17.20 -6.09 19.34
N ARG A 78 -18.51 -6.37 19.24
CA ARG A 78 -19.26 -6.88 20.39
C ARG A 78 -18.67 -8.18 20.93
N GLU A 79 -18.44 -9.16 20.04
CA GLU A 79 -17.96 -10.45 20.51
C GLU A 79 -16.52 -10.37 21.01
N VAL A 80 -15.64 -9.67 20.28
CA VAL A 80 -14.24 -9.51 20.71
C VAL A 80 -14.19 -8.97 22.14
N GLN A 81 -14.99 -7.94 22.42
CA GLN A 81 -15.03 -7.39 23.77
C GLN A 81 -15.53 -8.42 24.78
N ASP A 82 -16.66 -9.06 24.48
CA ASP A 82 -17.24 -10.02 25.44
C ASP A 82 -16.26 -11.14 25.76
N PHE A 83 -15.46 -11.54 24.78
CA PHE A 83 -14.51 -12.63 24.92
C PHE A 83 -13.09 -12.17 25.24
N ALA A 84 -12.84 -10.86 25.28
CA ALA A 84 -11.53 -10.38 25.72
C ALA A 84 -11.26 -10.76 27.17
N GLY A 85 -12.29 -11.06 27.95
CA GLY A 85 -12.01 -11.46 29.35
C GLY A 85 -11.55 -12.90 29.40
N ASP A 86 -12.15 -13.71 28.54
CA ASP A 86 -11.98 -15.18 28.40
C ASP A 86 -10.52 -15.48 28.04
N PHE A 87 -10.02 -15.06 26.88
CA PHE A 87 -8.56 -15.27 26.75
C PHE A 87 -7.94 -13.94 27.16
N GLN A 88 -7.24 -13.92 28.31
CA GLN A 88 -6.64 -12.67 28.81
C GLN A 88 -5.97 -11.86 27.70
N MET A 89 -6.53 -10.68 27.40
CA MET A 89 -5.97 -9.80 26.40
C MET A 89 -5.89 -8.40 26.98
N LYS A 90 -4.70 -7.80 26.89
CA LYS A 90 -4.46 -6.48 27.46
C LYS A 90 -4.79 -5.41 26.43
N TYR A 91 -5.40 -4.34 26.91
CA TYR A 91 -5.65 -3.19 26.05
C TYR A 91 -4.44 -2.24 26.06
N PRO A 92 -4.23 -1.48 24.98
CA PRO A 92 -5.00 -1.52 23.73
C PRO A 92 -4.53 -2.64 22.80
N PHE A 93 -5.36 -3.07 21.87
CA PHE A 93 -4.87 -3.99 20.85
C PHE A 93 -5.58 -3.70 19.54
N GLU A 94 -5.03 -4.27 18.47
CA GLU A 94 -5.49 -4.01 17.13
C GLU A 94 -5.60 -5.34 16.37
N ILE A 95 -6.70 -5.50 15.64
CA ILE A 95 -6.95 -6.69 14.86
C ILE A 95 -7.03 -6.29 13.40
N GLN A 96 -6.43 -7.10 12.54
CA GLN A 96 -6.46 -6.88 11.11
C GLN A 96 -6.99 -8.11 10.41
N GLY A 97 -7.56 -7.88 9.23
CA GLY A 97 -8.19 -8.90 8.42
C GLY A 97 -8.08 -8.54 6.96
N ILE A 98 -7.84 -9.52 6.10
CA ILE A 98 -7.85 -9.33 4.65
C ILE A 98 -8.57 -10.52 4.04
N ALA A 99 -9.48 -10.26 3.10
CA ALA A 99 -10.18 -11.37 2.46
C ALA A 99 -10.46 -10.97 1.03
N GLY A 100 -10.36 -11.92 0.11
CA GLY A 100 -10.65 -11.62 -1.28
C GLY A 100 -10.33 -12.79 -2.18
N CYS A 101 -10.06 -12.49 -3.44
CA CYS A 101 -9.72 -13.55 -4.39
C CYS A 101 -8.85 -12.96 -5.50
N GLU A 102 -8.20 -13.86 -6.24
CA GLU A 102 -7.21 -13.49 -7.24
CA GLU A 102 -7.22 -13.48 -7.25
C GLU A 102 -7.33 -14.39 -8.45
N LEU A 103 -7.21 -13.80 -9.64
CA LEU A 103 -7.21 -14.54 -10.90
C LEU A 103 -5.79 -14.94 -11.26
N HIS A 104 -5.59 -16.24 -11.50
CA HIS A 104 -4.24 -16.79 -11.80
C HIS A 104 -4.10 -17.11 -13.30
N SER A 105 -2.85 -17.28 -13.74
CA SER A 105 -2.61 -17.67 -15.16
C SER A 105 -3.24 -19.04 -15.33
N GLY A 106 -3.98 -19.25 -16.41
CA GLY A 106 -4.70 -20.52 -16.58
C GLY A 106 -6.18 -20.29 -16.31
N GLY A 107 -6.50 -19.15 -15.65
CA GLY A 107 -7.89 -18.79 -15.45
C GLY A 107 -8.46 -19.09 -14.07
N ALA A 108 -7.74 -19.82 -13.23
CA ALA A 108 -8.28 -20.19 -11.92
C ALA A 108 -8.37 -18.98 -10.99
N ILE A 109 -9.42 -18.96 -10.17
CA ILE A 109 -9.60 -17.91 -9.17
C ILE A 109 -9.47 -18.55 -7.81
N VAL A 110 -8.52 -18.05 -7.01
CA VAL A 110 -8.18 -18.55 -5.68
C VAL A 110 -8.65 -17.54 -4.64
N SER A 111 -9.32 -18.01 -3.59
CA SER A 111 -9.80 -17.16 -2.52
C SER A 111 -8.91 -17.30 -1.27
N PHE A 112 -8.94 -16.26 -0.43
CA PHE A 112 -8.10 -16.24 0.77
C PHE A 112 -8.78 -15.41 1.85
N LEU A 113 -8.50 -15.76 3.11
CA LEU A 113 -8.87 -14.93 4.25
C LEU A 113 -7.81 -15.09 5.33
N ARG A 114 -7.31 -13.97 5.86
CA ARG A 114 -6.29 -13.99 6.90
C ARG A 114 -6.67 -12.98 7.99
N GLY A 115 -6.39 -13.33 9.23
CA GLY A 115 -6.59 -12.43 10.35
C GLY A 115 -5.33 -12.28 11.16
N ALA A 116 -5.16 -11.09 11.76
CA ALA A 116 -3.97 -10.77 12.54
C ALA A 116 -4.38 -10.17 13.88
N LEU A 117 -3.53 -10.40 14.87
CA LEU A 117 -3.66 -9.79 16.19
C LEU A 117 -2.31 -9.22 16.56
N GLY A 118 -2.31 -7.97 17.03
CA GLY A 118 -1.10 -7.19 17.24
C GLY A 118 -0.06 -7.26 16.13
N GLY A 119 -0.51 -7.36 14.88
CA GLY A 119 0.39 -7.36 13.74
C GLY A 119 1.06 -8.68 13.43
N LEU A 120 0.65 -9.75 14.11
CA LEU A 120 1.12 -11.11 13.83
C LEU A 120 -0.04 -11.96 13.34
N ASP A 121 0.23 -12.85 12.39
CA ASP A 121 -0.79 -13.76 11.90
C ASP A 121 -1.54 -14.41 13.05
N PHE A 122 -2.84 -14.53 12.91
CA PHE A 122 -3.65 -15.14 13.95
C PHE A 122 -4.45 -16.32 13.44
N LEU A 123 -5.11 -16.18 12.29
CA LEU A 123 -5.87 -17.27 11.71
C LEU A 123 -5.92 -17.08 10.21
N SER A 124 -6.39 -18.13 9.52
CA SER A 124 -6.71 -18.03 8.11
C SER A 124 -7.88 -18.96 7.85
N VAL A 125 -8.51 -18.81 6.68
CA VAL A 125 -9.56 -19.71 6.24
C VAL A 125 -9.01 -20.52 5.07
N LYS A 126 -8.97 -21.84 5.26
CA LYS A 126 -8.47 -22.77 4.25
C LYS A 126 -9.50 -23.88 4.13
N ASN A 127 -10.01 -24.09 2.91
CA ASN A 127 -11.00 -25.14 2.66
C ASN A 127 -12.30 -24.87 3.43
N ALA A 128 -12.67 -23.59 3.55
CA ALA A 128 -13.87 -23.16 4.26
C ALA A 128 -13.84 -23.56 5.75
N SER A 129 -12.65 -23.73 6.31
CA SER A 129 -12.49 -24.02 7.72
CA SER A 129 -12.47 -24.04 7.72
C SER A 129 -11.55 -23.00 8.35
N CYS A 130 -11.77 -22.74 9.64
CA CYS A 130 -10.95 -21.80 10.39
C CYS A 130 -9.66 -22.53 10.80
N VAL A 131 -8.51 -21.96 10.44
CA VAL A 131 -7.22 -22.55 10.75
C VAL A 131 -6.44 -21.57 11.63
N PRO A 132 -6.07 -21.95 12.85
CA PRO A 132 -5.28 -21.03 13.69
C PRO A 132 -3.82 -21.00 13.24
N SER A 133 -3.27 -19.86 13.24
CA SER A 133 -1.87 -19.77 12.88
C SER A 133 -1.00 -20.01 14.11
N PRO A 134 0.21 -20.54 13.93
CA PRO A 134 1.04 -20.88 15.09
C PRO A 134 1.38 -19.69 15.95
N GLU A 135 1.52 -18.50 15.36
CA GLU A 135 1.80 -17.32 16.16
CA GLU A 135 1.79 -17.29 16.15
C GLU A 135 0.61 -16.96 17.07
N GLY A 136 -0.61 -17.31 16.64
CA GLY A 136 -1.79 -17.00 17.45
C GLY A 136 -1.94 -17.84 18.71
N GLY A 137 -1.15 -18.91 18.82
CA GLY A 137 -1.09 -19.73 20.00
C GLY A 137 -2.41 -20.43 20.30
N SER A 138 -2.59 -20.74 21.60
CA SER A 138 -3.82 -21.39 22.03
C SER A 138 -5.01 -20.45 21.92
N ARG A 139 -4.75 -19.14 22.06
CA ARG A 139 -5.80 -18.15 21.89
C ARG A 139 -6.45 -18.28 20.52
N ALA A 140 -5.65 -18.47 19.47
CA ALA A 140 -6.22 -18.64 18.14
C ALA A 140 -6.94 -19.97 18.01
N GLN A 141 -6.51 -20.99 18.74
CA GLN A 141 -7.24 -22.25 18.73
C GLN A 141 -8.60 -22.09 19.39
N LYS A 142 -8.64 -21.51 20.59
CA LYS A 142 -9.93 -21.26 21.24
C LYS A 142 -10.84 -20.41 20.36
N PHE A 143 -10.27 -19.42 19.66
CA PHE A 143 -11.11 -18.55 18.84
C PHE A 143 -11.77 -19.33 17.70
N CYS A 144 -10.98 -20.11 16.95
CA CYS A 144 -11.55 -20.88 15.84
C CYS A 144 -12.66 -21.81 16.33
N ALA A 145 -12.39 -22.54 17.42
CA ALA A 145 -13.40 -23.46 17.97
C ALA A 145 -14.66 -22.71 18.39
N LEU A 146 -14.54 -21.43 18.72
CA LEU A 146 -15.71 -20.65 19.12
CA LEU A 146 -15.71 -20.65 19.11
C LEU A 146 -16.54 -20.25 17.91
N ILE A 147 -15.92 -19.60 16.92
CA ILE A 147 -16.67 -19.03 15.79
C ILE A 147 -17.39 -20.10 14.98
N ILE A 148 -16.79 -21.28 14.85
CA ILE A 148 -17.43 -22.34 14.06
C ILE A 148 -18.77 -22.76 14.65
N GLN A 149 -19.00 -22.48 15.94
CA GLN A 149 -20.26 -22.85 16.56
C GLN A 149 -21.35 -21.81 16.32
N TYR A 150 -20.97 -20.54 16.19
CA TYR A 150 -21.94 -19.48 15.95
C TYR A 150 -22.61 -19.72 14.60
N GLN A 151 -23.95 -19.81 14.63
CA GLN A 151 -24.69 -20.21 13.44
C GLN A 151 -24.50 -19.23 12.29
N GLY A 152 -24.38 -19.78 11.07
CA GLY A 152 -24.34 -19.01 9.85
C GLY A 152 -23.01 -18.37 9.49
N ILE A 153 -22.11 -18.15 10.46
CA ILE A 153 -20.90 -17.37 10.17
C ILE A 153 -20.04 -18.05 9.11
N MET A 154 -19.62 -19.29 9.36
CA MET A 154 -18.75 -19.96 8.39
C MET A 154 -19.45 -20.16 7.05
N GLU A 155 -20.76 -20.40 7.06
CA GLU A 155 -21.50 -20.58 5.82
C GLU A 155 -21.55 -19.29 4.99
N THR A 156 -21.72 -18.15 5.66
CA THR A 156 -21.68 -16.88 4.97
C THR A 156 -20.29 -16.57 4.48
N VAL A 157 -19.27 -16.90 5.27
CA VAL A 157 -17.89 -16.71 4.85
C VAL A 157 -17.60 -17.57 3.61
N ARG A 158 -18.08 -18.82 3.62
CA ARG A 158 -17.84 -19.72 2.49
C ARG A 158 -18.46 -19.17 1.22
N ILE A 159 -19.71 -18.72 1.31
CA ILE A 159 -20.39 -18.14 0.16
C ILE A 159 -19.61 -16.93 -0.37
N LEU A 160 -19.28 -15.97 0.50
CA LEU A 160 -18.59 -14.77 0.05
C LEU A 160 -17.24 -15.11 -0.57
N LEU A 161 -16.45 -15.96 0.09
CA LEU A 161 -15.11 -16.25 -0.40
C LEU A 161 -15.15 -16.98 -1.74
N TYR A 162 -15.97 -18.02 -1.85
CA TYR A 162 -15.84 -18.91 -2.99
C TYR A 162 -16.94 -18.75 -4.03
N GLU A 163 -18.02 -18.06 -3.74
CA GLU A 163 -19.04 -17.87 -4.75
C GLU A 163 -19.24 -16.41 -5.13
N THR A 164 -19.22 -15.49 -4.16
CA THR A 164 -19.49 -14.09 -4.48
C THR A 164 -18.24 -13.38 -4.99
N CYS A 165 -17.09 -13.61 -4.33
CA CYS A 165 -15.88 -12.89 -4.70
C CYS A 165 -15.46 -13.21 -6.13
N PRO A 166 -15.43 -14.47 -6.58
CA PRO A 166 -14.92 -14.72 -7.94
C PRO A 166 -15.74 -14.01 -9.02
N ARG A 167 -17.07 -14.00 -8.91
CA ARG A 167 -17.85 -13.31 -9.93
C ARG A 167 -17.79 -11.80 -9.77
N TYR A 168 -17.62 -11.29 -8.55
CA TYR A 168 -17.40 -9.85 -8.39
C TYR A 168 -16.11 -9.43 -9.08
N LEU A 169 -15.02 -10.17 -8.82
CA LEU A 169 -13.73 -9.85 -9.41
C LEU A 169 -13.82 -9.80 -10.92
N LEU A 170 -14.44 -10.80 -11.54
CA LEU A 170 -14.50 -10.81 -12.99
C LEU A 170 -15.33 -9.64 -13.51
N GLY A 171 -16.45 -9.35 -12.86
CA GLY A 171 -17.27 -8.21 -13.29
C GLY A 171 -16.53 -6.89 -13.17
N VAL A 172 -15.82 -6.69 -12.06
CA VAL A 172 -15.21 -5.38 -11.85
C VAL A 172 -13.94 -5.24 -12.68
N LEU A 173 -13.20 -6.34 -12.89
CA LEU A 173 -12.05 -6.26 -13.78
C LEU A 173 -12.48 -5.85 -15.19
N ASN A 174 -13.65 -6.31 -15.64
CA ASN A 174 -14.12 -5.91 -16.95
C ASN A 174 -14.70 -4.49 -16.94
N ALA A 175 -15.56 -4.19 -15.96
CA ALA A 175 -16.20 -2.87 -15.93
C ALA A 175 -15.18 -1.75 -15.81
N GLY A 176 -14.01 -2.03 -15.23
CA GLY A 176 -13.07 -0.95 -15.02
C GLY A 176 -11.86 -0.99 -15.93
N LYS A 177 -11.96 -1.75 -17.04
CA LYS A 177 -10.76 -2.06 -17.82
C LYS A 177 -10.14 -0.81 -18.43
N ALA A 178 -10.96 0.21 -18.74
CA ALA A 178 -10.41 1.41 -19.37
C ALA A 178 -9.41 2.11 -18.44
N ASP A 179 -9.69 2.11 -17.13
CA ASP A 179 -8.76 2.65 -16.14
C ASP A 179 -7.72 1.62 -15.72
N LEU A 180 -8.16 0.37 -15.56
CA LEU A 180 -7.29 -0.69 -15.02
C LEU A 180 -6.21 -1.09 -16.01
N GLN A 181 -6.53 -1.13 -17.31
CA GLN A 181 -5.56 -1.54 -18.32
C GLN A 181 -5.06 -0.36 -19.15
N ARG A 182 -5.10 0.85 -18.62
CA ARG A 182 -4.52 1.96 -19.36
C ARG A 182 -3.00 1.91 -19.27
N GLN A 183 -2.36 2.66 -20.16
CA GLN A 183 -0.91 2.71 -20.26
C GLN A 183 -0.46 4.16 -20.05
N VAL A 184 0.43 4.38 -19.08
CA VAL A 184 0.86 5.73 -18.74
C VAL A 184 2.39 5.76 -18.76
N LYS A 185 2.95 6.54 -19.67
CA LYS A 185 4.41 6.55 -19.87
C LYS A 185 5.12 7.19 -18.69
N PRO A 186 6.19 6.59 -18.18
CA PRO A 186 6.99 7.25 -17.14
C PRO A 186 7.86 8.34 -17.72
N GLU A 187 8.31 9.23 -16.84
CA GLU A 187 9.46 10.07 -17.13
C GLU A 187 10.62 9.62 -16.23
N ALA A 188 11.84 9.95 -16.64
CA ALA A 188 13.03 9.47 -15.95
C ALA A 188 14.05 10.59 -15.83
N TRP A 189 14.87 10.55 -14.79
CA TRP A 189 15.92 11.57 -14.64
C TRP A 189 17.01 11.06 -13.71
N LEU A 190 18.20 11.66 -13.82
CA LEU A 190 19.36 11.19 -13.09
C LEU A 190 19.72 12.17 -11.98
N SER A 191 20.21 11.64 -10.86
CA SER A 191 20.80 12.45 -9.81
C SER A 191 22.01 11.71 -9.25
N SER A 192 22.77 12.43 -8.43
CA SER A 192 24.01 11.91 -7.85
C SER A 192 24.11 12.41 -6.43
N GLY A 193 25.22 12.05 -5.80
CA GLY A 193 25.48 12.36 -4.41
C GLY A 193 26.52 11.43 -3.85
N PRO A 194 27.07 11.77 -2.69
CA PRO A 194 28.16 10.97 -2.12
C PRO A 194 27.71 9.59 -1.67
N SER A 195 28.64 8.65 -1.73
CA SER A 195 28.45 7.24 -1.44
C SER A 195 29.48 6.80 -0.42
N PRO A 196 29.13 5.87 0.46
CA PRO A 196 30.06 5.50 1.54
C PRO A 196 31.37 4.96 0.98
N GLY A 197 32.47 5.39 1.59
CA GLY A 197 33.77 4.87 1.25
C GLY A 197 34.51 5.76 0.30
N PRO A 198 35.83 5.60 0.27
CA PRO A 198 36.68 6.55 -0.48
C PRO A 198 36.52 6.39 -1.98
N GLY A 199 36.38 7.53 -2.67
CA GLY A 199 36.30 7.52 -4.11
C GLY A 199 35.11 6.76 -4.67
N ARG A 200 34.00 6.71 -3.92
CA ARG A 200 32.80 6.02 -4.37
C ARG A 200 31.68 7.03 -4.56
N LEU A 201 30.88 6.81 -5.60
CA LEU A 201 29.74 7.65 -5.93
C LEU A 201 28.50 6.78 -6.04
N GLN A 202 27.35 7.37 -5.73
CA GLN A 202 26.08 6.69 -5.95
C GLN A 202 25.30 7.44 -7.02
N LEU A 203 25.00 6.75 -8.12
CA LEU A 203 24.16 7.31 -9.17
C LEU A 203 22.74 6.80 -8.98
N VAL A 204 21.76 7.66 -9.27
CA VAL A 204 20.34 7.37 -9.04
C VAL A 204 19.59 7.63 -10.35
N CYS A 205 18.92 6.60 -10.86
CA CYS A 205 17.99 6.75 -11.98
C CYS A 205 16.58 6.76 -11.41
N HIS A 206 15.91 7.92 -11.50
CA HIS A 206 14.55 8.06 -11.00
C HIS A 206 13.56 7.75 -12.11
N VAL A 207 12.52 6.98 -11.80
CA VAL A 207 11.53 6.66 -12.82
C VAL A 207 10.15 6.87 -12.20
N SER A 208 9.38 7.80 -12.77
CA SER A 208 8.17 8.27 -12.12
C SER A 208 6.97 8.37 -13.06
N GLY A 209 5.81 7.99 -12.55
CA GLY A 209 4.56 8.25 -13.23
C GLY A 209 4.06 7.14 -14.14
N PHE A 210 4.58 5.92 -13.99
CA PHE A 210 4.23 4.84 -14.88
C PHE A 210 3.05 4.04 -14.34
N TYR A 211 2.25 3.50 -15.27
CA TYR A 211 1.17 2.56 -14.96
C TYR A 211 1.02 1.69 -16.20
N PRO A 212 0.82 0.37 -16.07
CA PRO A 212 0.75 -0.41 -14.82
C PRO A 212 2.09 -0.56 -14.13
N LYS A 213 2.09 -1.31 -13.04
CA LYS A 213 3.20 -1.37 -12.11
C LYS A 213 4.46 -2.06 -12.64
N PRO A 214 4.36 -3.17 -13.40
CA PRO A 214 5.59 -3.81 -13.87
C PRO A 214 6.44 -2.86 -14.72
N VAL A 215 7.73 -2.81 -14.39
CA VAL A 215 8.68 -1.96 -15.10
C VAL A 215 10.07 -2.59 -15.00
N TRP A 216 10.96 -2.17 -15.89
CA TRP A 216 12.34 -2.66 -15.94
C TRP A 216 13.25 -1.44 -16.00
N VAL A 217 14.17 -1.33 -15.04
CA VAL A 217 15.12 -0.22 -14.99
C VAL A 217 16.49 -0.80 -14.66
N MET A 218 17.50 -0.42 -15.45
CA MET A 218 18.83 -0.99 -15.27
CA MET A 218 18.83 -1.01 -15.31
C MET A 218 19.88 0.03 -15.66
N TRP A 219 20.89 0.19 -14.81
CA TRP A 219 22.10 0.88 -15.24
C TRP A 219 22.85 -0.03 -16.21
N MET A 220 23.39 0.57 -17.27
CA MET A 220 24.15 -0.23 -18.21
CA MET A 220 24.01 -0.11 -18.40
C MET A 220 25.36 0.53 -18.75
N ARG A 221 26.24 -0.25 -19.38
CA ARG A 221 27.41 0.28 -20.08
C ARG A 221 27.27 -0.23 -21.50
N GLY A 222 26.84 0.64 -22.41
CA GLY A 222 26.49 0.18 -23.75
C GLY A 222 25.33 -0.78 -23.65
N GLU A 223 25.52 -2.02 -24.09
CA GLU A 223 24.51 -3.04 -23.95
C GLU A 223 24.76 -3.98 -22.77
N GLN A 224 25.74 -3.68 -21.91
CA GLN A 224 26.03 -4.54 -20.76
C GLN A 224 25.25 -4.04 -19.54
N GLU A 225 24.30 -4.84 -19.08
CA GLU A 225 23.54 -4.48 -17.89
C GLU A 225 24.43 -4.56 -16.66
N GLN A 226 24.38 -3.53 -15.82
CA GLN A 226 25.19 -3.50 -14.60
C GLN A 226 24.47 -4.28 -13.49
N GLN A 227 24.98 -5.47 -13.21
CA GLN A 227 24.37 -6.37 -12.23
C GLN A 227 24.31 -5.76 -10.82
N GLY A 228 25.23 -4.85 -10.51
CA GLY A 228 25.16 -4.11 -9.25
C GLY A 228 24.01 -3.14 -9.09
N THR A 229 23.16 -2.96 -10.12
CA THR A 229 21.97 -2.12 -9.97
C THR A 229 21.10 -2.58 -8.79
N GLN A 230 20.77 -1.62 -7.91
CA GLN A 230 19.88 -1.87 -6.77
C GLN A 230 18.55 -1.18 -7.01
N LEU A 231 17.45 -1.93 -6.95
CA LEU A 231 16.13 -1.35 -7.07
C LEU A 231 15.62 -0.99 -5.69
N GLY A 232 15.11 0.21 -5.55
CA GLY A 232 14.42 0.54 -4.33
C GLY A 232 13.01 -0.02 -4.38
N ASP A 233 12.30 0.09 -3.26
CA ASP A 233 10.90 -0.29 -3.25
C ASP A 233 10.10 0.63 -4.15
N ILE A 234 9.06 0.08 -4.78
CA ILE A 234 8.19 0.88 -5.65
C ILE A 234 7.30 1.76 -4.77
N LEU A 235 7.28 3.06 -5.05
CA LEU A 235 6.54 3.97 -4.18
C LEU A 235 5.35 4.58 -4.93
N PRO A 236 4.24 4.86 -4.23
CA PRO A 236 3.06 5.36 -4.93
C PRO A 236 3.12 6.87 -5.16
N ASN A 237 2.61 7.28 -6.31
CA ASN A 237 2.14 8.63 -6.52
C ASN A 237 0.63 8.65 -6.38
N ALA A 238 0.09 9.83 -6.10
CA ALA A 238 -1.36 10.00 -6.19
C ALA A 238 -1.83 9.75 -7.62
N ASN A 239 -3.08 9.30 -7.76
CA ASN A 239 -3.71 9.09 -9.08
C ASN A 239 -3.09 7.90 -9.83
N TRP A 240 -2.75 6.84 -9.10
CA TRP A 240 -2.57 5.50 -9.68
C TRP A 240 -1.37 5.42 -10.63
N THR A 241 -0.23 5.98 -10.24
CA THR A 241 1.05 5.75 -10.92
C THR A 241 2.12 5.53 -9.87
N TRP A 242 3.32 5.14 -10.31
CA TRP A 242 4.37 4.63 -9.44
CA TRP A 242 4.35 4.69 -9.38
C TRP A 242 5.67 5.39 -9.65
N TYR A 243 6.60 5.18 -8.71
CA TYR A 243 7.87 5.86 -8.66
C TYR A 243 8.92 4.86 -8.15
N LEU A 244 10.07 4.85 -8.81
CA LEU A 244 11.10 3.87 -8.53
C LEU A 244 12.47 4.53 -8.69
N ARG A 245 13.36 4.24 -7.75
CA ARG A 245 14.75 4.66 -7.84
C ARG A 245 15.61 3.43 -8.09
N ALA A 246 16.51 3.53 -9.05
CA ALA A 246 17.49 2.49 -9.35
C ALA A 246 18.87 3.10 -9.15
N THR A 247 19.64 2.51 -8.25
CA THR A 247 20.88 3.13 -7.83
C THR A 247 22.06 2.23 -8.16
N LEU A 248 23.22 2.86 -8.34
CA LEU A 248 24.44 2.14 -8.69
C LEU A 248 25.60 2.77 -7.95
N ASP A 249 26.30 1.97 -7.15
CA ASP A 249 27.51 2.41 -6.48
CA ASP A 249 27.51 2.41 -6.48
C ASP A 249 28.69 2.20 -7.44
N VAL A 250 29.39 3.28 -7.76
CA VAL A 250 30.50 3.21 -8.71
C VAL A 250 31.68 4.04 -8.21
N ALA A 251 32.88 3.55 -8.47
CA ALA A 251 34.08 4.32 -8.20
C ALA A 251 34.06 5.61 -9.01
N ASP A 252 34.53 6.70 -8.40
CA ASP A 252 34.86 7.92 -9.14
C ASP A 252 35.74 7.57 -10.33
N GLY A 253 35.55 8.27 -11.43
CA GLY A 253 36.37 7.98 -12.58
C GLY A 253 36.02 6.70 -13.29
N GLU A 254 35.08 5.93 -12.78
CA GLU A 254 34.45 4.86 -13.53
C GLU A 254 32.98 5.14 -13.79
N ALA A 255 32.52 6.36 -13.51
CA ALA A 255 31.12 6.70 -13.74
C ALA A 255 30.85 7.03 -15.19
N ALA A 256 31.87 7.48 -15.93
CA ALA A 256 31.67 7.85 -17.32
C ALA A 256 31.39 6.60 -18.14
N GLY A 257 30.49 6.72 -19.12
CA GLY A 257 30.01 5.61 -19.90
C GLY A 257 28.75 4.96 -19.38
N LEU A 258 28.28 5.35 -18.21
CA LEU A 258 27.06 4.77 -17.65
C LEU A 258 25.82 5.40 -18.26
N SER A 259 24.79 4.57 -18.43
CA SER A 259 23.47 5.02 -18.85
C SER A 259 22.41 4.24 -18.08
N CYS A 260 21.21 4.80 -18.04
CA CYS A 260 20.06 4.16 -17.41
C CYS A 260 19.00 3.90 -18.46
N ARG A 261 18.55 2.65 -18.57
CA ARG A 261 17.58 2.27 -19.59
C ARG A 261 16.30 1.84 -18.90
N VAL A 262 15.17 2.40 -19.32
CA VAL A 262 13.86 2.07 -18.78
C VAL A 262 13.05 1.36 -19.85
N LYS A 263 12.50 0.21 -19.50
CA LYS A 263 11.56 -0.49 -20.37
C LYS A 263 10.20 -0.54 -19.69
N HIS A 264 9.15 -0.21 -20.45
CA HIS A 264 7.81 -0.19 -19.90
C HIS A 264 6.80 -0.47 -21.00
N SER A 265 5.71 -1.14 -20.59
CA SER A 265 4.65 -1.55 -21.50
C SER A 265 4.02 -0.39 -22.25
N SER A 266 4.11 0.83 -21.70
CA SER A 266 3.49 1.99 -22.33
C SER A 266 4.34 2.57 -23.45
N LEU A 267 5.61 2.19 -23.54
CA LEU A 267 6.58 2.88 -24.38
C LEU A 267 6.58 2.39 -25.82
N GLU A 268 5.90 1.28 -26.11
CA GLU A 268 5.85 0.70 -27.44
C GLU A 268 7.25 0.46 -28.00
N GLY A 269 8.13 -0.08 -27.17
CA GLY A 269 9.47 -0.39 -27.60
C GLY A 269 10.37 0.82 -27.80
N GLN A 270 9.90 1.97 -27.37
CA GLN A 270 10.77 3.16 -27.39
C GLN A 270 11.31 3.27 -25.97
N ASP A 271 12.37 2.51 -25.63
CA ASP A 271 12.97 2.58 -24.30
C ASP A 271 13.45 3.99 -24.00
N ILE A 272 13.39 4.35 -22.72
CA ILE A 272 14.02 5.57 -22.23
C ILE A 272 15.49 5.25 -21.96
N ILE A 273 16.40 6.06 -22.50
CA ILE A 273 17.81 5.88 -22.22
C ILE A 273 18.36 7.21 -21.74
N LEU A 274 18.89 7.23 -20.51
CA LEU A 274 19.50 8.44 -19.96
C LEU A 274 21.00 8.22 -19.88
N TYR A 275 21.77 9.27 -20.16
CA TYR A 275 23.22 9.13 -20.19
C TYR A 275 23.84 9.95 -19.07
N TRP A 276 24.68 9.30 -18.26
CA TRP A 276 25.37 10.01 -17.20
C TRP A 276 26.58 10.72 -17.78
N ARG A 277 26.65 12.03 -17.60
CA ARG A 277 27.83 12.81 -17.98
C ARG A 277 28.49 13.33 -16.70
N GLY A 278 29.82 13.47 -16.73
CA GLY A 278 30.56 13.80 -15.55
C GLY A 278 30.81 15.29 -15.37
N SER A 279 31.55 15.61 -14.32
CA SER A 279 32.14 16.93 -14.09
C SER A 279 31.10 18.03 -13.90
N GLY A 280 29.88 17.67 -13.54
CA GLY A 280 28.82 18.65 -13.46
C GLY A 280 28.23 19.05 -14.78
N LEU A 281 28.39 18.23 -15.83
CA LEU A 281 27.63 18.36 -17.06
C LEU A 281 26.29 17.65 -16.97
N ASN A 282 25.78 17.46 -15.76
CA ASN A 282 24.58 16.69 -15.47
C ASN A 282 24.68 15.29 -16.06
N PRO B 1 1.41 -9.63 19.71
CA PRO B 1 0.87 -8.27 19.66
C PRO B 1 1.73 -7.21 20.34
N LYS B 2 2.77 -7.66 21.02
CA LYS B 2 3.44 -6.83 22.00
C LYS B 2 4.31 -5.75 21.37
N ILE B 3 4.88 -6.01 20.20
CA ILE B 3 5.99 -5.20 19.70
C ILE B 3 5.48 -4.20 18.68
N GLN B 4 5.77 -2.94 18.94
CA GLN B 4 5.40 -1.83 18.08
C GLN B 4 6.48 -1.61 17.03
N ARG B 5 6.08 -1.02 15.91
CA ARG B 5 6.96 -0.82 14.77
C ARG B 5 6.99 0.66 14.44
N THR B 6 8.19 1.26 14.47
N THR B 6 8.18 1.25 14.44
CA THR B 6 8.31 2.68 14.17
CA THR B 6 8.31 2.68 14.17
C THR B 6 8.14 2.92 12.66
C THR B 6 8.18 2.94 12.67
N PRO B 7 7.57 4.06 12.27
CA PRO B 7 7.34 4.30 10.84
C PRO B 7 8.64 4.54 10.07
N LYS B 8 8.65 4.07 8.83
CA LYS B 8 9.61 4.51 7.84
C LYS B 8 8.98 5.68 7.09
N ILE B 9 9.76 6.72 6.80
CA ILE B 9 9.24 7.96 6.22
C ILE B 9 10.08 8.33 5.00
N GLN B 10 9.43 8.41 3.84
CA GLN B 10 10.13 8.72 2.59
C GLN B 10 9.42 9.88 1.90
N VAL B 11 10.19 10.92 1.56
CA VAL B 11 9.69 12.17 1.00
C VAL B 11 10.25 12.33 -0.41
N TYR B 12 9.36 12.61 -1.38
CA TYR B 12 9.81 12.65 -2.77
C TYR B 12 8.81 13.45 -3.58
N SER B 13 9.28 14.01 -4.68
CA SER B 13 8.43 14.81 -5.56
C SER B 13 7.94 13.95 -6.71
N ARG B 14 6.75 14.28 -7.21
CA ARG B 14 6.19 13.54 -8.35
C ARG B 14 7.06 13.68 -9.59
N HIS B 15 7.59 14.87 -9.83
CA HIS B 15 8.36 15.25 -10.99
C HIS B 15 9.74 15.71 -10.54
N PRO B 16 10.73 15.70 -11.43
CA PRO B 16 12.00 16.33 -11.09
C PRO B 16 11.76 17.77 -10.67
N ALA B 17 12.43 18.18 -9.59
CA ALA B 17 12.24 19.52 -9.07
C ALA B 17 12.78 20.54 -10.06
N GLU B 18 11.94 21.52 -10.39
CA GLU B 18 12.38 22.67 -11.17
C GLU B 18 11.76 23.91 -10.56
N ASN B 19 12.59 24.88 -10.22
CA ASN B 19 12.10 26.09 -9.57
C ASN B 19 11.11 26.80 -10.47
N GLY B 20 9.95 27.14 -9.90
CA GLY B 20 8.89 27.82 -10.63
C GLY B 20 7.84 26.90 -11.22
N LYS B 21 8.10 25.60 -11.29
CA LYS B 21 7.20 24.67 -11.95
C LYS B 21 6.41 23.89 -10.91
N SER B 22 5.08 23.92 -11.03
CA SER B 22 4.25 23.21 -10.07
C SER B 22 4.60 21.73 -10.07
N ASN B 23 4.49 21.11 -8.90
CA ASN B 23 4.90 19.73 -8.70
C ASN B 23 3.98 19.12 -7.65
N PHE B 24 4.30 17.89 -7.23
CA PHE B 24 3.58 17.25 -6.14
C PHE B 24 4.58 16.68 -5.16
N LEU B 25 4.38 17.00 -3.89
CA LEU B 25 5.22 16.52 -2.80
C LEU B 25 4.55 15.32 -2.17
N ASN B 26 5.24 14.19 -2.15
CA ASN B 26 4.72 12.95 -1.57
C ASN B 26 5.46 12.58 -0.29
N CYS B 27 4.72 12.06 0.68
CA CYS B 27 5.31 11.53 1.89
C CYS B 27 4.72 10.16 2.11
N TYR B 28 5.56 9.14 2.05
CA TYR B 28 5.10 7.77 2.18
C TYR B 28 5.56 7.27 3.54
N VAL B 29 4.60 6.87 4.36
CA VAL B 29 4.85 6.46 5.73
C VAL B 29 4.44 5.00 5.80
N SER B 30 5.36 4.15 6.22
CA SER B 30 5.12 2.72 6.06
C SER B 30 5.81 1.97 7.18
N GLY B 31 5.47 0.68 7.28
CA GLY B 31 6.10 -0.23 8.21
C GLY B 31 5.72 -0.04 9.66
N PHE B 32 4.64 0.67 9.97
CA PHE B 32 4.43 1.03 11.36
C PHE B 32 3.29 0.26 11.98
N HIS B 33 3.30 0.21 13.30
CA HIS B 33 2.29 -0.53 14.05
C HIS B 33 2.33 -0.06 15.49
N PRO B 34 1.17 0.26 16.12
CA PRO B 34 -0.19 0.19 15.57
C PRO B 34 -0.54 1.34 14.60
N SER B 35 -1.80 1.42 14.16
CA SER B 35 -2.16 2.26 13.01
C SER B 35 -2.28 3.74 13.37
N ASP B 36 -2.59 4.06 14.61
CA ASP B 36 -2.69 5.45 15.03
C ASP B 36 -1.41 6.19 14.66
N ILE B 37 -1.56 7.28 13.94
CA ILE B 37 -0.41 8.05 13.45
C ILE B 37 -0.91 9.41 13.02
N GLU B 38 -0.04 10.40 13.11
CA GLU B 38 -0.33 11.77 12.70
C GLU B 38 0.74 12.19 11.70
N VAL B 39 0.30 12.76 10.57
CA VAL B 39 1.21 13.11 9.48
C VAL B 39 0.84 14.49 8.95
N ASP B 40 1.84 15.37 8.87
CA ASP B 40 1.71 16.70 8.30
C ASP B 40 2.77 16.92 7.24
N LEU B 41 2.44 17.72 6.25
CA LEU B 41 3.42 18.23 5.31
C LEU B 41 3.67 19.69 5.65
N LEU B 42 4.94 20.08 5.62
CA LEU B 42 5.37 21.40 6.07
C LEU B 42 5.93 22.20 4.91
N LYS B 43 5.63 23.50 4.91
CA LYS B 43 6.30 24.48 4.07
C LYS B 43 6.99 25.49 4.98
N ASN B 44 8.31 25.52 4.92
CA ASN B 44 9.12 26.38 5.78
C ASN B 44 8.72 26.20 7.25
N GLY B 45 8.52 24.94 7.63
CA GLY B 45 8.22 24.61 9.02
C GLY B 45 6.82 24.94 9.47
N GLU B 46 5.93 25.30 8.55
CA GLU B 46 4.54 25.55 8.85
C GLU B 46 3.67 24.48 8.20
N ARG B 47 2.71 23.98 8.95
CA ARG B 47 1.82 22.95 8.45
C ARG B 47 1.07 23.43 7.23
N ILE B 48 1.10 22.63 6.17
CA ILE B 48 0.32 22.91 4.96
C ILE B 48 -1.10 22.43 5.15
N GLU B 49 -2.04 23.26 4.73
CA GLU B 49 -3.46 23.03 4.98
C GLU B 49 -4.07 22.07 3.97
N LYS B 50 -3.71 22.20 2.69
CA LYS B 50 -4.35 21.44 1.62
C LYS B 50 -3.52 20.20 1.33
N VAL B 51 -3.67 19.19 2.19
CA VAL B 51 -2.95 17.93 2.10
C VAL B 51 -3.96 16.80 2.02
N GLU B 52 -3.76 15.92 1.05
CA GLU B 52 -4.61 14.74 0.89
C GLU B 52 -3.83 13.50 1.30
N HIS B 53 -4.57 12.42 1.57
CA HIS B 53 -3.93 11.19 1.98
C HIS B 53 -4.80 10.00 1.61
N SER B 54 -4.13 8.86 1.47
CA SER B 54 -4.81 7.62 1.20
C SER B 54 -5.55 7.13 2.44
N ASP B 55 -6.54 6.28 2.22
CA ASP B 55 -7.11 5.55 3.35
C ASP B 55 -6.10 4.52 3.83
N LEU B 56 -6.24 4.10 5.08
CA LEU B 56 -5.30 3.17 5.69
C LEU B 56 -5.27 1.86 4.93
N SER B 57 -4.05 1.33 4.70
CA SER B 57 -3.85 -0.01 4.17
C SER B 57 -2.65 -0.63 4.89
N PHE B 58 -2.33 -1.88 4.55
CA PHE B 58 -1.21 -2.49 5.21
C PHE B 58 -0.58 -3.54 4.29
N SER B 59 0.66 -3.87 4.61
CA SER B 59 1.48 -4.84 3.89
C SER B 59 1.11 -6.26 4.26
N LYS B 60 1.73 -7.21 3.53
CA LYS B 60 1.58 -8.64 3.82
C LYS B 60 1.98 -8.96 5.25
N ASP B 61 2.96 -8.25 5.79
CA ASP B 61 3.42 -8.47 7.15
C ASP B 61 2.64 -7.65 8.16
N TRP B 62 1.50 -7.07 7.75
CA TRP B 62 0.51 -6.40 8.59
C TRP B 62 0.96 -4.99 8.98
N SER B 63 2.09 -4.51 8.47
CA SER B 63 2.54 -3.15 8.76
C SER B 63 1.72 -2.15 7.98
N PHE B 64 1.37 -1.05 8.63
CA PHE B 64 0.53 -0.05 7.99
C PHE B 64 1.35 0.87 7.07
N TYR B 65 0.67 1.46 6.10
CA TYR B 65 1.28 2.46 5.26
C TYR B 65 0.24 3.50 4.83
N LEU B 66 0.70 4.73 4.64
CA LEU B 66 -0.12 5.85 4.24
C LEU B 66 0.65 6.71 3.26
N LEU B 67 -0.03 7.23 2.24
CA LEU B 67 0.54 8.23 1.34
C LEU B 67 -0.15 9.56 1.58
N TYR B 68 0.65 10.58 1.88
CA TYR B 68 0.20 11.96 2.03
C TYR B 68 0.80 12.77 0.90
N TYR B 69 0.06 13.75 0.36
CA TYR B 69 0.59 14.51 -0.76
C TYR B 69 -0.09 15.87 -0.87
N THR B 70 0.61 16.79 -1.52
CA THR B 70 0.08 18.12 -1.85
C THR B 70 0.79 18.60 -3.10
N GLU B 71 0.14 19.51 -3.82
CA GLU B 71 0.84 20.24 -4.86
C GLU B 71 1.81 21.24 -4.22
N PHE B 72 2.89 21.52 -4.93
CA PHE B 72 3.80 22.54 -4.44
C PHE B 72 4.64 23.05 -5.60
N THR B 73 5.09 24.28 -5.46
CA THR B 73 6.02 24.86 -6.41
C THR B 73 7.37 25.00 -5.73
N PRO B 74 8.34 24.15 -6.08
CA PRO B 74 9.67 24.28 -5.48
C PRO B 74 10.32 25.60 -5.89
N THR B 75 11.05 26.18 -4.94
CA THR B 75 11.83 27.39 -5.18
C THR B 75 13.26 27.11 -4.71
N GLU B 76 14.12 28.12 -4.85
CA GLU B 76 15.50 27.93 -4.45
C GLU B 76 15.62 27.79 -2.94
N LYS B 77 14.92 28.67 -2.19
CA LYS B 77 15.12 28.78 -0.76
C LYS B 77 14.03 28.11 0.08
N ASP B 78 12.86 27.83 -0.49
CA ASP B 78 11.77 27.27 0.31
C ASP B 78 12.13 25.87 0.78
N GLU B 79 11.78 25.56 2.03
CA GLU B 79 12.03 24.25 2.60
C GLU B 79 10.70 23.54 2.81
N TYR B 80 10.68 22.24 2.48
CA TYR B 80 9.50 21.39 2.66
C TYR B 80 9.89 20.12 3.40
N ALA B 81 8.93 19.59 4.17
CA ALA B 81 9.25 18.46 5.03
C ALA B 81 7.99 17.64 5.27
N CYS B 82 8.19 16.44 5.81
CA CYS B 82 7.10 15.59 6.30
C CYS B 82 7.31 15.32 7.78
N ARG B 83 6.27 15.54 8.57
CA ARG B 83 6.36 15.45 10.02
C ARG B 83 5.41 14.36 10.50
N VAL B 84 5.95 13.40 11.23
CA VAL B 84 5.20 12.21 11.63
C VAL B 84 5.22 12.13 13.14
N ASN B 85 4.10 11.76 13.73
CA ASN B 85 4.08 11.46 15.15
C ASN B 85 3.39 10.11 15.35
N HIS B 86 3.94 9.32 16.27
CA HIS B 86 3.52 7.94 16.45
C HIS B 86 3.93 7.55 17.85
N VAL B 87 3.30 6.48 18.36
CA VAL B 87 3.58 6.09 19.74
C VAL B 87 5.02 5.65 19.90
N THR B 88 5.64 5.14 18.84
CA THR B 88 7.06 4.78 18.90
C THR B 88 7.97 6.00 18.92
N LEU B 89 7.47 7.17 18.57
CA LEU B 89 8.29 8.38 18.48
C LEU B 89 8.09 9.24 19.71
N SER B 90 9.19 9.64 20.34
CA SER B 90 9.14 10.49 21.52
C SER B 90 8.66 11.89 21.16
N GLN B 91 9.28 12.49 20.15
CA GLN B 91 8.90 13.77 19.56
C GLN B 91 8.51 13.52 18.10
N PRO B 92 7.80 14.45 17.47
CA PRO B 92 7.51 14.27 16.05
C PRO B 92 8.80 14.23 15.23
N LYS B 93 8.84 13.35 14.24
CA LYS B 93 10.01 13.19 13.39
C LYS B 93 9.80 13.96 12.10
N ILE B 94 10.78 14.77 11.72
CA ILE B 94 10.70 15.66 10.57
C ILE B 94 11.73 15.18 9.56
N VAL B 95 11.25 14.63 8.44
CA VAL B 95 12.10 14.25 7.33
C VAL B 95 12.02 15.34 6.26
N LYS B 96 13.14 15.96 5.95
CA LYS B 96 13.13 17.06 5.00
C LYS B 96 13.13 16.53 3.57
N TRP B 97 12.42 17.23 2.69
CA TRP B 97 12.53 16.97 1.26
C TRP B 97 13.90 17.43 0.76
N ASP B 98 14.58 16.57 0.00
CA ASP B 98 15.89 16.87 -0.58
C ASP B 98 15.88 16.45 -2.04
N ARG B 99 15.67 17.40 -2.96
CA ARG B 99 15.48 17.10 -4.42
C ARG B 99 16.70 16.39 -5.05
N ASP B 100 17.84 16.64 -4.44
CA ASP B 100 19.24 16.19 -4.75
C ASP B 100 19.60 16.64 -6.18
#